data_8FH9
#
_entry.id   8FH9
#
_cell.length_a   40.179
_cell.length_b   46.888
_cell.length_c   47.296
_cell.angle_alpha   75.478
_cell.angle_beta   67.366
_cell.angle_gamma   76.634
#
_symmetry.space_group_name_H-M   'P 1'
#
loop_
_entity.id
_entity.type
_entity.pdbx_description
1 polymer 'Aldo-keto reductase family 1 member B1'
2 non-polymer 'NADP NICOTINAMIDE-ADENINE-DINUCLEOTIDE PHOSPHATE'
3 non-polymer '(4-oxo-3-{[5-(trifluoromethyl)-1,3-benzothiazol-2-yl]methyl}-3,4-dihydrothieno[3,4-d]pyridazin-1-yl)acetic acid'
4 non-polymer 1,2-ETHANEDIOL
5 water water
#
_entity_poly.entity_id   1
_entity_poly.type   'polypeptide(L)'
_entity_poly.pdbx_seq_one_letter_code
;MASRLLLNNGAKMPILGLGTWKSPPGQVTEAVKVAIDVGYRHIDCAHVYQNENEVGVAIQEKLREQVVKREELFIVSKLW
CTYHEKGLVKGACQKTLSDLKLDYLDLYLIHWPTGFKPGKEFFPLDESGNVVPSDTNILDTWAAMEELVDEGLVKAIGIS
NFNHLQVEMILNKPGLKYKPAVNQIECHPYLTQEKLIQYCQSKGIVVTAYSPLGSPDRPWAKPEDPSLLEDPRIKAIAAK
HNKTTAQVLIRFPMQRNLVVIPKSVTPERIAENFKVFDFELSSQDMTTLLSYNRNWRVCALLSCTSHKDYPFHEEF
;
_entity_poly.pdbx_strand_id   A
#
loop_
_chem_comp.id
_chem_comp.type
_chem_comp.name
_chem_comp.formula
EDO non-polymer 1,2-ETHANEDIOL 'C2 H6 O2'
NAP non-polymer 'NADP NICOTINAMIDE-ADENINE-DINUCLEOTIDE PHOSPHATE' 'C21 H28 N7 O17 P3'
XYK non-polymer '(4-oxo-3-{[5-(trifluoromethyl)-1,3-benzothiazol-2-yl]methyl}-3,4-dihydrothieno[3,4-d]pyridazin-1-yl)acetic acid' 'C17 H10 F3 N3 O3 S2'
#
# COMPACT_ATOMS: atom_id res chain seq x y z
N ALA A 2 -16.33 -7.82 -4.51
CA ALA A 2 -17.55 -6.99 -4.73
C ALA A 2 -17.10 -5.54 -4.67
N SER A 3 -17.44 -4.77 -3.62
CA SER A 3 -16.66 -3.57 -3.40
C SER A 3 -15.77 -3.69 -2.17
N ARG A 4 -15.86 -4.80 -1.43
CA ARG A 4 -15.00 -5.07 -0.28
C ARG A 4 -14.49 -6.50 -0.36
N LEU A 5 -13.28 -6.78 0.22
CA LEU A 5 -12.81 -8.16 0.37
C LEU A 5 -12.71 -8.46 1.88
N LEU A 6 -13.07 -9.69 2.27
CA LEU A 6 -12.98 -10.09 3.65
C LEU A 6 -11.54 -10.43 4.05
N LEU A 7 -11.10 -9.95 5.20
CA LEU A 7 -9.82 -10.26 5.76
C LEU A 7 -9.98 -11.38 6.81
N ASN A 8 -8.84 -11.90 7.25
CA ASN A 8 -8.83 -12.99 8.22
C ASN A 8 -9.36 -12.62 9.60
N ASN A 9 -9.67 -11.37 9.88
CA ASN A 9 -10.23 -10.95 11.16
C ASN A 9 -11.74 -10.74 11.00
N GLY A 10 -12.31 -11.10 9.84
CA GLY A 10 -13.70 -10.79 9.51
C GLY A 10 -14.04 -9.39 9.03
N ALA A 11 -13.06 -8.46 9.01
CA ALA A 11 -13.31 -7.13 8.51
C ALA A 11 -13.43 -7.13 6.97
N LYS A 12 -14.17 -6.15 6.49
CA LYS A 12 -14.41 -5.91 5.08
C LYS A 12 -13.45 -4.82 4.68
N MET A 13 -12.50 -5.14 3.81
CA MET A 13 -11.59 -4.12 3.30
C MET A 13 -12.08 -3.56 1.97
N PRO A 14 -12.33 -2.24 1.86
CA PRO A 14 -12.77 -1.66 0.59
C PRO A 14 -11.69 -1.92 -0.46
N ILE A 15 -12.15 -2.42 -1.62
CA ILE A 15 -11.26 -2.79 -2.69
C ILE A 15 -10.60 -1.56 -3.34
N LEU A 16 -11.22 -0.41 -3.26
CA LEU A 16 -10.61 0.84 -3.70
C LEU A 16 -10.27 1.75 -2.52
N GLY A 17 -8.99 2.19 -2.47
CA GLY A 17 -8.58 3.16 -1.49
C GLY A 17 -7.82 4.30 -2.14
N LEU A 18 -7.60 5.32 -1.36
CA LEU A 18 -6.87 6.49 -1.81
C LEU A 18 -5.44 6.36 -1.29
N GLY A 19 -4.46 6.47 -2.19
CA GLY A 19 -3.05 6.52 -1.77
C GLY A 19 -2.62 7.98 -1.43
N THR A 20 -1.63 8.10 -0.51
CA THR A 20 -1.21 9.40 0.01
C THR A 20 0.28 9.66 -0.10
N TRP A 21 1.08 8.75 -0.66
CA TRP A 21 2.51 9.03 -0.85
C TRP A 21 2.68 10.14 -1.90
N LYS A 22 3.35 11.19 -1.46
CA LYS A 22 3.68 12.37 -2.27
C LYS A 22 2.49 13.31 -2.37
N SER A 23 1.52 13.18 -1.48
CA SER A 23 0.42 14.11 -1.39
C SER A 23 0.86 15.16 -0.39
N PRO A 24 1.24 16.39 -0.83
CA PRO A 24 1.86 17.31 0.14
C PRO A 24 0.92 17.65 1.28
N PRO A 25 1.42 17.87 2.52
CA PRO A 25 0.60 18.29 3.64
C PRO A 25 -0.36 19.43 3.34
N GLY A 26 0.06 20.38 2.50
CA GLY A 26 -0.78 21.52 2.18
C GLY A 26 -1.94 21.21 1.27
N GLN A 27 -1.92 20.04 0.59
CA GLN A 27 -2.95 19.70 -0.35
C GLN A 27 -3.73 18.41 0.04
N VAL A 28 -3.18 17.63 0.93
CA VAL A 28 -3.73 16.31 1.18
C VAL A 28 -5.04 16.39 1.94
N THR A 29 -5.21 17.36 2.83
CA THR A 29 -6.44 17.41 3.61
C THR A 29 -7.62 17.56 2.66
N GLU A 30 -7.54 18.52 1.75
CA GLU A 30 -8.63 18.66 0.79
C GLU A 30 -8.79 17.41 -0.09
N ALA A 31 -7.68 16.75 -0.45
CA ALA A 31 -7.81 15.54 -1.22
C ALA A 31 -8.57 14.42 -0.49
N VAL A 32 -8.30 14.25 0.82
CA VAL A 32 -8.97 13.20 1.56
C VAL A 32 -10.43 13.61 1.78
N LYS A 33 -10.71 14.89 2.08
CA LYS A 33 -12.12 15.30 2.21
C LYS A 33 -12.88 14.96 0.93
N VAL A 34 -12.35 15.37 -0.22
CA VAL A 34 -13.04 15.08 -1.47
C VAL A 34 -13.21 13.59 -1.63
N ALA A 35 -12.13 12.81 -1.40
CA ALA A 35 -12.25 11.37 -1.56
C ALA A 35 -13.38 10.79 -0.71
N ILE A 36 -13.48 11.22 0.56
CA ILE A 36 -14.53 10.68 1.43
C ILE A 36 -15.90 11.08 0.86
N ASP A 37 -15.99 12.34 0.43
CA ASP A 37 -17.28 12.78 -0.15
C ASP A 37 -17.67 11.92 -1.34
N VAL A 38 -16.71 11.67 -2.26
CA VAL A 38 -16.93 10.92 -3.47
C VAL A 38 -17.27 9.45 -3.18
N GLY A 39 -16.80 8.87 -2.06
CA GLY A 39 -17.18 7.52 -1.67
C GLY A 39 -16.03 6.62 -1.26
N TYR A 40 -14.78 7.11 -1.36
CA TYR A 40 -13.68 6.29 -0.86
C TYR A 40 -13.87 6.01 0.63
N ARG A 41 -13.69 4.73 1.04
CA ARG A 41 -13.81 4.38 2.43
C ARG A 41 -12.54 3.71 2.93
N HIS A 42 -11.40 3.94 2.25
CA HIS A 42 -10.13 3.31 2.58
C HIS A 42 -9.07 4.30 2.19
N ILE A 43 -8.23 4.65 3.17
CA ILE A 43 -7.08 5.54 2.91
C ILE A 43 -5.82 4.81 3.31
N ASP A 44 -4.86 4.81 2.38
CA ASP A 44 -3.55 4.22 2.65
C ASP A 44 -2.57 5.30 3.06
N CYS A 45 -2.01 5.14 4.26
CA CYS A 45 -1.16 6.13 4.91
C CYS A 45 0.19 5.50 5.27
N ALA A 46 1.15 6.31 5.63
CA ALA A 46 2.40 5.79 6.22
C ALA A 46 3.03 6.97 6.99
N HIS A 47 3.81 6.63 8.01
CA HIS A 47 4.59 7.62 8.74
C HIS A 47 5.63 8.32 7.85
N VAL A 48 6.28 7.54 6.94
CA VAL A 48 7.29 8.08 6.04
C VAL A 48 6.67 9.04 5.01
N TYR A 49 5.36 9.04 4.79
CA TYR A 49 4.74 10.00 3.86
C TYR A 49 4.74 11.41 4.46
N GLN A 50 4.88 11.55 5.77
CA GLN A 50 5.14 12.83 6.43
C GLN A 50 3.95 13.78 6.25
N ASN A 51 2.77 13.17 6.24
CA ASN A 51 1.51 13.91 5.99
C ASN A 51 0.35 13.35 6.87
N GLU A 52 0.63 12.46 7.84
CA GLU A 52 -0.43 11.79 8.58
C GLU A 52 -1.25 12.81 9.37
N ASN A 53 -0.60 13.89 9.90
CA ASN A 53 -1.34 14.92 10.60
C ASN A 53 -2.44 15.45 9.68
N GLU A 54 -2.11 15.79 8.44
CA GLU A 54 -3.02 16.43 7.50
C GLU A 54 -4.09 15.48 6.99
N VAL A 55 -3.77 14.18 6.83
CA VAL A 55 -4.81 13.21 6.59
C VAL A 55 -5.76 13.11 7.81
N GLY A 56 -5.18 13.10 9.03
CA GLY A 56 -5.96 13.09 10.24
C GLY A 56 -6.96 14.25 10.33
N VAL A 57 -6.52 15.44 9.93
CA VAL A 57 -7.40 16.60 9.94
C VAL A 57 -8.64 16.36 9.09
N ALA A 58 -8.46 15.81 7.88
CA ALA A 58 -9.56 15.53 6.98
C ALA A 58 -10.54 14.54 7.58
N ILE A 59 -9.97 13.46 8.13
CA ILE A 59 -10.78 12.45 8.73
C ILE A 59 -11.63 13.08 9.84
N GLN A 60 -11.00 13.81 10.75
CA GLN A 60 -11.79 14.44 11.83
C GLN A 60 -12.86 15.39 11.30
N GLU A 61 -12.56 16.17 10.25
CA GLU A 61 -13.54 17.10 9.68
C GLU A 61 -14.78 16.33 9.26
N LYS A 62 -14.57 15.23 8.52
CA LYS A 62 -15.70 14.45 8.03
C LYS A 62 -16.47 13.65 9.08
N LEU A 63 -15.80 13.19 10.13
CA LEU A 63 -16.47 12.60 11.27
C LEU A 63 -17.32 13.64 11.96
N ARG A 64 -16.76 14.85 12.13
CA ARG A 64 -17.54 15.94 12.79
C ARG A 64 -18.73 16.40 11.91
N GLU A 65 -18.57 16.42 10.59
CA GLU A 65 -19.64 16.72 9.64
C GLU A 65 -20.71 15.60 9.59
N GLN A 66 -20.50 14.47 10.24
CA GLN A 66 -21.40 13.32 10.17
C GLN A 66 -21.59 12.80 8.72
N VAL A 67 -20.51 12.82 7.95
CA VAL A 67 -20.48 12.31 6.61
C VAL A 67 -20.27 10.78 6.71
N VAL A 68 -19.40 10.38 7.67
CA VAL A 68 -19.07 8.98 7.94
C VAL A 68 -18.91 8.83 9.44
N LYS A 69 -19.07 7.58 9.94
CA LYS A 69 -18.60 7.33 11.29
C LYS A 69 -17.31 6.51 11.16
N ARG A 70 -16.61 6.38 12.26
CA ARG A 70 -15.28 5.75 12.22
C ARG A 70 -15.35 4.33 11.66
N GLU A 71 -16.37 3.55 12.07
CA GLU A 71 -16.48 2.17 11.69
C GLU A 71 -16.67 1.94 10.21
N GLU A 72 -16.99 2.99 9.44
CA GLU A 72 -17.18 2.92 8.01
C GLU A 72 -15.86 3.22 7.26
N LEU A 73 -14.80 3.64 7.98
CA LEU A 73 -13.53 3.94 7.37
C LEU A 73 -12.56 2.79 7.63
N PHE A 74 -11.73 2.53 6.62
CA PHE A 74 -10.70 1.52 6.69
C PHE A 74 -9.38 2.30 6.53
N ILE A 75 -8.69 2.51 7.63
CA ILE A 75 -7.50 3.34 7.65
C ILE A 75 -6.28 2.43 7.86
N VAL A 76 -5.34 2.52 6.90
CA VAL A 76 -4.10 1.73 6.88
C VAL A 76 -2.93 2.65 7.15
N SER A 77 -2.01 2.20 8.02
CA SER A 77 -0.69 2.81 8.05
C SER A 77 0.34 1.71 8.21
N LYS A 78 1.58 2.15 8.27
CA LYS A 78 2.74 1.28 8.12
C LYS A 78 3.84 1.71 9.08
N LEU A 79 4.56 0.69 9.55
CA LEU A 79 5.73 0.79 10.43
C LEU A 79 6.97 1.03 9.61
N TRP A 80 7.61 2.19 9.79
CA TRP A 80 8.78 2.53 8.97
C TRP A 80 10.02 1.73 9.37
N CYS A 81 10.96 1.64 8.47
CA CYS A 81 12.13 0.78 8.55
C CYS A 81 13.00 1.06 9.78
N THR A 82 12.98 2.29 10.26
CA THR A 82 13.79 2.66 11.42
C THR A 82 13.22 2.27 12.76
N TYR A 83 12.04 1.61 12.76
CA TYR A 83 11.37 1.20 14.00
C TYR A 83 11.17 -0.31 14.07
N HIS A 84 12.03 -1.12 13.42
CA HIS A 84 11.85 -2.58 13.43
C HIS A 84 12.16 -3.20 14.79
N GLU A 85 12.98 -2.54 15.60
CA GLU A 85 13.28 -3.07 16.92
C GLU A 85 11.99 -3.30 17.71
N LYS A 86 11.92 -4.48 18.37
CA LYS A 86 10.70 -4.84 19.08
C LYS A 86 10.25 -3.72 19.99
N GLY A 87 11.19 -3.11 20.70
CA GLY A 87 10.88 -2.09 21.69
C GLY A 87 10.40 -0.75 21.13
N LEU A 88 10.60 -0.51 19.84
CA LEU A 88 10.18 0.73 19.19
C LEU A 88 8.83 0.62 18.49
N VAL A 89 8.23 -0.59 18.30
CA VAL A 89 7.08 -0.76 17.43
C VAL A 89 5.85 -0.06 18.02
N LYS A 90 5.59 -0.22 19.32
CA LYS A 90 4.41 0.35 19.94
C LYS A 90 4.44 1.85 19.88
N GLY A 91 5.61 2.45 20.13
CA GLY A 91 5.74 3.90 20.05
C GLY A 91 5.50 4.46 18.65
N ALA A 92 5.96 3.71 17.64
CA ALA A 92 5.77 4.11 16.27
C ALA A 92 4.29 4.08 15.93
N CYS A 93 3.62 2.99 16.31
CA CYS A 93 2.19 2.86 16.09
C CYS A 93 1.43 3.99 16.80
N GLN A 94 1.74 4.25 18.08
CA GLN A 94 1.07 5.32 18.81
C GLN A 94 1.31 6.70 18.22
N LYS A 95 2.48 6.95 17.63
CA LYS A 95 2.75 8.21 16.98
C LYS A 95 1.87 8.38 15.76
N THR A 96 1.81 7.32 14.94
CA THR A 96 0.92 7.35 13.79
C THR A 96 -0.52 7.61 14.24
N LEU A 97 -0.97 6.89 15.28
CA LEU A 97 -2.32 7.08 15.76
C LEU A 97 -2.53 8.50 16.25
N SER A 98 -1.57 9.08 16.93
CA SER A 98 -1.65 10.45 17.43
C SER A 98 -1.72 11.44 16.28
N ASP A 99 -0.91 11.21 15.26
CA ASP A 99 -0.88 12.08 14.09
C ASP A 99 -2.18 12.02 13.28
N LEU A 100 -2.73 10.80 13.08
CA LEU A 100 -3.97 10.59 12.34
C LEU A 100 -5.21 10.97 13.16
N LYS A 101 -5.01 11.24 14.47
CA LYS A 101 -6.06 11.55 15.45
C LYS A 101 -7.08 10.44 15.53
N LEU A 102 -6.59 9.20 15.58
CA LEU A 102 -7.41 8.01 15.72
C LEU A 102 -7.05 7.25 16.99
N ASP A 103 -7.99 6.39 17.41
CA ASP A 103 -7.85 5.51 18.53
C ASP A 103 -7.43 4.13 18.10
N TYR A 104 -7.64 3.73 16.83
CA TYR A 104 -7.16 2.46 16.34
C TYR A 104 -6.89 2.56 14.81
N LEU A 105 -6.09 1.63 14.28
CA LEU A 105 -5.96 1.46 12.82
C LEU A 105 -6.73 0.20 12.46
N ASP A 106 -7.25 0.17 11.22
CA ASP A 106 -7.81 -1.03 10.63
C ASP A 106 -6.76 -2.07 10.24
N LEU A 107 -5.63 -1.55 9.74
CA LEU A 107 -4.55 -2.36 9.26
C LEU A 107 -3.27 -1.61 9.48
N TYR A 108 -2.28 -2.32 9.99
CA TYR A 108 -0.95 -1.79 10.21
C TYR A 108 0.02 -2.77 9.58
N LEU A 109 0.86 -2.25 8.66
CA LEU A 109 1.80 -3.05 7.92
C LEU A 109 3.27 -2.83 8.32
N ILE A 110 4.04 -3.90 8.22
CA ILE A 110 5.50 -3.76 8.14
C ILE A 110 5.81 -3.18 6.78
N HIS A 111 6.29 -1.90 6.71
CA HIS A 111 6.34 -1.16 5.42
C HIS A 111 7.26 -1.82 4.38
N TRP A 112 8.45 -2.28 4.86
CA TRP A 112 9.44 -3.01 4.06
C TRP A 112 10.10 -4.03 4.97
N PRO A 113 10.58 -5.15 4.42
CA PRO A 113 11.18 -6.21 5.27
C PRO A 113 12.53 -5.84 5.87
N THR A 114 13.10 -4.73 5.40
CA THR A 114 14.42 -4.29 5.82
C THR A 114 14.37 -3.34 6.99
N GLY A 115 15.06 -3.67 8.09
CA GLY A 115 15.23 -2.72 9.17
C GLY A 115 16.40 -1.79 8.85
N PHE A 116 16.22 -0.49 9.16
CA PHE A 116 17.24 0.52 9.04
C PHE A 116 17.64 1.02 10.43
N LYS A 117 18.89 1.45 10.57
CA LYS A 117 19.39 2.01 11.83
C LYS A 117 18.36 2.96 12.44
N PRO A 118 18.03 2.77 13.73
CA PRO A 118 17.07 3.63 14.41
C PRO A 118 17.65 5.05 14.60
N GLY A 119 16.80 6.04 14.51
CA GLY A 119 17.19 7.43 14.75
C GLY A 119 16.23 8.38 14.04
N LYS A 120 16.66 9.62 13.91
CA LYS A 120 15.76 10.63 13.37
C LYS A 120 15.72 10.65 11.85
N GLU A 121 16.70 10.09 11.13
CA GLU A 121 16.69 10.11 9.67
C GLU A 121 15.83 8.95 9.14
N PHE A 122 14.99 9.22 8.13
CA PHE A 122 14.19 8.13 7.57
C PHE A 122 15.08 7.18 6.81
N PHE A 123 16.10 7.72 6.10
CA PHE A 123 17.03 6.94 5.31
C PHE A 123 18.44 7.25 5.83
N PRO A 124 18.85 6.59 6.93
CA PRO A 124 20.19 6.79 7.49
C PRO A 124 21.23 6.28 6.51
N LEU A 125 22.15 7.17 6.11
CA LEU A 125 23.14 6.80 5.13
C LEU A 125 24.56 6.87 5.72
N ASP A 126 25.44 6.01 5.24
CA ASP A 126 26.85 6.11 5.59
C ASP A 126 27.48 7.13 4.63
N GLU A 127 28.79 7.37 4.73
CA GLU A 127 29.39 8.41 3.88
C GLU A 127 29.58 8.02 2.41
N SER A 128 29.33 6.77 2.04
CA SER A 128 29.26 6.41 0.63
C SER A 128 27.84 6.22 0.13
N GLY A 129 26.86 6.53 0.99
CA GLY A 129 25.48 6.62 0.59
C GLY A 129 24.69 5.32 0.67
N ASN A 130 25.31 4.30 1.34
CA ASN A 130 24.59 3.06 1.60
C ASN A 130 23.63 3.33 2.74
N VAL A 131 22.45 2.69 2.67
CA VAL A 131 21.53 2.80 3.78
C VAL A 131 22.08 1.93 4.90
N VAL A 132 22.10 2.47 6.11
CA VAL A 132 22.61 1.76 7.25
C VAL A 132 21.53 0.84 7.84
N PRO A 133 21.77 -0.48 7.90
CA PRO A 133 20.74 -1.43 8.36
C PRO A 133 20.71 -1.48 9.87
N SER A 134 19.67 -2.11 10.42
CA SER A 134 19.65 -2.40 11.84
C SER A 134 19.70 -3.90 12.10
N ASP A 135 20.03 -4.20 13.35
CA ASP A 135 20.15 -5.59 13.83
C ASP A 135 18.77 -6.12 14.23
N THR A 136 17.92 -6.23 13.24
CA THR A 136 16.54 -6.59 13.43
C THR A 136 16.19 -7.71 12.50
N ASN A 137 15.20 -8.50 12.82
CA ASN A 137 14.76 -9.50 11.83
C ASN A 137 13.23 -9.61 11.78
N ILE A 138 12.75 -10.09 10.67
CA ILE A 138 11.35 -9.95 10.37
C ILE A 138 10.53 -10.72 11.40
N LEU A 139 11.06 -11.81 11.97
CA LEU A 139 10.22 -12.60 12.88
C LEU A 139 9.99 -11.89 14.20
N ASP A 140 11.02 -11.26 14.74
CA ASP A 140 10.92 -10.52 15.98
C ASP A 140 10.04 -9.30 15.78
N THR A 141 10.22 -8.57 14.68
CA THR A 141 9.34 -7.45 14.40
C THR A 141 7.88 -7.91 14.32
N TRP A 142 7.65 -9.05 13.65
CA TRP A 142 6.30 -9.56 13.54
C TRP A 142 5.71 -9.76 14.94
N ALA A 143 6.46 -10.44 15.84
CA ALA A 143 6.01 -10.60 17.23
C ALA A 143 5.57 -9.28 17.86
N ALA A 144 6.27 -8.17 17.60
CA ALA A 144 5.91 -6.90 18.20
C ALA A 144 4.63 -6.36 17.53
N MET A 145 4.45 -6.70 16.23
CA MET A 145 3.24 -6.26 15.54
C MET A 145 2.03 -7.00 16.14
N GLU A 146 2.21 -8.29 16.49
CA GLU A 146 1.13 -9.05 17.05
C GLU A 146 0.65 -8.45 18.38
N GLU A 147 1.58 -7.97 19.19
CA GLU A 147 1.25 -7.32 20.46
C GLU A 147 0.28 -6.15 20.25
N LEU A 148 0.39 -5.42 19.11
CA LEU A 148 -0.48 -4.28 18.87
C LEU A 148 -1.92 -4.74 18.69
N VAL A 149 -2.13 -5.94 18.10
CA VAL A 149 -3.43 -6.49 17.96
C VAL A 149 -3.97 -6.86 19.34
N ASP A 150 -3.16 -7.60 20.05
CA ASP A 150 -3.49 -7.99 21.42
C ASP A 150 -3.87 -6.80 22.27
N GLU A 151 -3.27 -5.62 22.04
CA GLU A 151 -3.48 -4.44 22.85
C GLU A 151 -4.65 -3.58 22.39
N GLY A 152 -5.24 -3.92 21.21
CA GLY A 152 -6.40 -3.23 20.68
C GLY A 152 -6.02 -1.97 19.89
N LEU A 153 -4.71 -1.73 19.62
CA LEU A 153 -4.33 -0.55 18.84
C LEU A 153 -4.62 -0.72 17.33
N VAL A 154 -4.62 -1.96 16.85
CA VAL A 154 -4.84 -2.24 15.45
C VAL A 154 -5.72 -3.47 15.31
N LYS A 155 -6.56 -3.50 14.29
CA LYS A 155 -7.47 -4.61 14.10
C LYS A 155 -6.89 -5.78 13.36
N ALA A 156 -5.92 -5.47 12.49
CA ALA A 156 -5.30 -6.42 11.58
C ALA A 156 -3.89 -5.92 11.33
N ILE A 157 -3.00 -6.86 11.11
CA ILE A 157 -1.61 -6.57 10.79
C ILE A 157 -1.25 -7.28 9.47
N GLY A 158 -0.32 -6.68 8.75
CA GLY A 158 0.22 -7.30 7.59
C GLY A 158 1.63 -6.82 7.24
N ILE A 159 2.01 -7.11 5.99
CA ILE A 159 3.35 -6.93 5.47
C ILE A 159 3.24 -6.22 4.11
N SER A 160 4.36 -5.67 3.70
CA SER A 160 4.43 -4.92 2.46
C SER A 160 5.82 -5.10 1.87
N ASN A 161 5.84 -5.34 0.53
CA ASN A 161 7.10 -5.59 -0.20
C ASN A 161 7.80 -6.86 0.31
N PHE A 162 7.06 -7.84 0.83
CA PHE A 162 7.63 -9.13 1.15
C PHE A 162 7.56 -10.09 -0.05
N ASN A 163 8.68 -10.82 -0.29
CA ASN A 163 8.67 -11.80 -1.35
C ASN A 163 8.15 -13.10 -0.77
N HIS A 164 8.03 -14.10 -1.64
CA HIS A 164 7.29 -15.27 -1.18
C HIS A 164 8.02 -16.00 -0.08
N LEU A 165 9.34 -16.00 -0.09
CA LEU A 165 10.09 -16.59 1.02
C LEU A 165 9.88 -15.86 2.34
N GLN A 166 9.82 -14.51 2.30
CA GLN A 166 9.56 -13.69 3.49
C GLN A 166 8.16 -13.92 4.07
N VAL A 167 7.16 -14.12 3.18
CA VAL A 167 5.82 -14.44 3.58
C VAL A 167 5.88 -15.81 4.27
N GLU A 168 6.62 -16.73 3.65
CA GLU A 168 6.75 -18.10 4.17
C GLU A 168 7.36 -18.09 5.55
N MET A 169 8.40 -17.27 5.75
CA MET A 169 9.04 -17.15 7.05
C MET A 169 8.09 -16.72 8.18
N ILE A 170 7.23 -15.73 7.90
CA ILE A 170 6.21 -15.36 8.86
C ILE A 170 5.24 -16.51 9.12
N LEU A 171 4.71 -17.09 8.07
CA LEU A 171 3.71 -18.14 8.25
C LEU A 171 4.29 -19.32 9.05
N ASN A 172 5.58 -19.59 8.88
CA ASN A 172 6.25 -20.72 9.53
C ASN A 172 6.81 -20.34 10.90
N LYS A 173 6.63 -19.09 11.34
CA LYS A 173 7.16 -18.63 12.63
C LYS A 173 6.72 -19.56 13.78
N PRO A 174 7.67 -19.99 14.60
CA PRO A 174 7.32 -20.67 15.84
C PRO A 174 6.49 -19.78 16.73
N GLY A 175 5.40 -20.31 17.24
CA GLY A 175 4.58 -19.52 18.13
C GLY A 175 3.82 -18.37 17.41
N LEU A 176 3.64 -18.45 16.08
CA LEU A 176 2.86 -17.46 15.36
C LEU A 176 1.51 -17.23 16.08
N LYS A 177 1.12 -15.96 16.32
CA LYS A 177 -0.16 -15.69 16.92
C LYS A 177 -1.23 -15.22 15.92
N TYR A 178 -0.85 -14.34 14.98
CA TYR A 178 -1.74 -13.82 13.96
C TYR A 178 -1.06 -14.00 12.61
N LYS A 179 -1.76 -14.60 11.67
CA LYS A 179 -1.32 -14.60 10.31
C LYS A 179 -1.41 -13.19 9.71
N PRO A 180 -0.51 -12.82 8.81
CA PRO A 180 -0.66 -11.53 8.13
C PRO A 180 -1.95 -11.52 7.31
N ALA A 181 -2.67 -10.40 7.35
CA ALA A 181 -3.94 -10.27 6.65
C ALA A 181 -3.72 -9.94 5.17
N VAL A 182 -2.74 -9.06 4.95
CA VAL A 182 -2.49 -8.39 3.66
C VAL A 182 -1.00 -8.41 3.35
N ASN A 183 -0.62 -8.55 2.04
CA ASN A 183 0.70 -8.17 1.56
C ASN A 183 0.51 -7.11 0.47
N GLN A 184 0.95 -5.90 0.78
CA GLN A 184 0.86 -4.76 -0.13
C GLN A 184 2.13 -4.67 -0.96
N ILE A 185 1.96 -4.83 -2.31
CA ILE A 185 3.11 -4.94 -3.21
C ILE A 185 2.87 -4.08 -4.44
N GLU A 186 3.95 -3.77 -5.16
CA GLU A 186 3.85 -3.02 -6.41
C GLU A 186 3.19 -3.92 -7.45
N CYS A 187 2.19 -3.37 -8.17
CA CYS A 187 1.48 -4.20 -9.11
C CYS A 187 0.79 -3.36 -10.17
N HIS A 188 1.14 -3.63 -11.45
CA HIS A 188 0.60 -2.85 -12.57
C HIS A 188 0.97 -3.67 -13.80
N PRO A 189 0.52 -3.25 -14.99
CA PRO A 189 0.80 -4.07 -16.20
C PRO A 189 2.27 -4.32 -16.48
N TYR A 190 3.16 -3.41 -16.09
CA TYR A 190 4.58 -3.66 -16.34
C TYR A 190 5.24 -4.46 -15.21
N LEU A 191 4.51 -4.82 -14.13
CA LEU A 191 5.02 -5.68 -13.08
C LEU A 191 3.87 -6.44 -12.45
N THR A 192 3.50 -7.55 -13.09
CA THR A 192 2.21 -8.09 -12.80
C THR A 192 2.19 -9.01 -11.58
N GLN A 193 3.35 -9.58 -11.24
CA GLN A 193 3.52 -10.31 -9.99
C GLN A 193 2.63 -11.52 -9.97
N GLU A 194 2.47 -12.25 -11.09
CA GLU A 194 1.48 -13.32 -11.03
C GLU A 194 1.78 -14.41 -10.01
N LYS A 195 3.04 -14.81 -9.94
CA LYS A 195 3.45 -15.87 -9.05
C LYS A 195 3.28 -15.45 -7.59
N LEU A 196 3.69 -14.22 -7.24
CA LEU A 196 3.60 -13.87 -5.82
C LEU A 196 2.13 -13.69 -5.43
N ILE A 197 1.29 -13.18 -6.35
CA ILE A 197 -0.10 -13.04 -6.05
C ILE A 197 -0.77 -14.40 -5.89
N GLN A 198 -0.46 -15.31 -6.80
CA GLN A 198 -1.00 -16.66 -6.69
C GLN A 198 -0.60 -17.29 -5.36
N TYR A 199 0.65 -17.11 -4.97
CA TYR A 199 1.13 -17.63 -3.70
C TYR A 199 0.38 -17.05 -2.50
N CYS A 200 0.32 -15.70 -2.45
CA CYS A 200 -0.33 -15.05 -1.33
C CYS A 200 -1.81 -15.41 -1.21
N GLN A 201 -2.53 -15.41 -2.34
CA GLN A 201 -3.94 -15.70 -2.37
C GLN A 201 -4.15 -17.17 -1.94
N SER A 202 -3.25 -18.06 -2.37
CA SER A 202 -3.35 -19.51 -2.10
C SER A 202 -3.20 -19.73 -0.60
N LYS A 203 -2.54 -18.74 0.08
CA LYS A 203 -2.27 -18.78 1.50
C LYS A 203 -3.28 -17.94 2.27
N GLY A 204 -4.33 -17.39 1.62
CA GLY A 204 -5.30 -16.63 2.37
C GLY A 204 -4.88 -15.21 2.77
N ILE A 205 -3.91 -14.66 2.06
CA ILE A 205 -3.46 -13.32 2.34
C ILE A 205 -3.97 -12.45 1.19
N VAL A 206 -4.69 -11.41 1.56
CA VAL A 206 -5.19 -10.46 0.56
C VAL A 206 -4.01 -9.64 0.02
N VAL A 207 -3.99 -9.40 -1.28
CA VAL A 207 -2.96 -8.58 -1.90
C VAL A 207 -3.51 -7.20 -2.25
N THR A 208 -2.77 -6.19 -1.80
CA THR A 208 -3.05 -4.82 -2.26
C THR A 208 -2.01 -4.40 -3.28
N ALA A 209 -2.47 -3.90 -4.44
CA ALA A 209 -1.62 -3.37 -5.50
C ALA A 209 -1.32 -1.87 -5.32
N TYR A 210 -0.07 -1.54 -5.08
CA TYR A 210 0.37 -0.15 -5.04
C TYR A 210 0.92 0.30 -6.39
N SER A 211 1.13 1.63 -6.53
CA SER A 211 1.59 2.21 -7.76
C SER A 211 0.84 1.62 -8.94
N PRO A 212 -0.51 1.57 -8.96
CA PRO A 212 -1.25 0.93 -10.08
C PRO A 212 -1.24 1.73 -11.37
N LEU A 213 -0.89 3.02 -11.29
CA LEU A 213 -0.71 3.86 -12.47
C LEU A 213 0.75 4.01 -12.82
N GLY A 214 1.62 3.28 -12.15
CA GLY A 214 3.02 3.39 -12.49
C GLY A 214 3.72 4.56 -11.80
N SER A 215 3.11 5.16 -10.77
CA SER A 215 3.76 6.21 -9.99
C SER A 215 4.49 7.25 -10.86
N PRO A 216 3.80 7.93 -11.78
CA PRO A 216 4.47 8.91 -12.66
C PRO A 216 5.06 10.09 -11.89
N ASP A 217 4.70 10.31 -10.63
CA ASP A 217 5.29 11.37 -9.83
C ASP A 217 6.39 10.90 -8.88
N ARG A 218 6.82 9.62 -9.00
CA ARG A 218 7.87 9.14 -8.14
C ARG A 218 9.11 10.01 -8.32
N PRO A 219 9.91 10.28 -7.27
CA PRO A 219 10.94 11.32 -7.36
C PRO A 219 12.15 10.92 -8.22
N TRP A 220 12.24 9.66 -8.67
CA TRP A 220 13.41 9.27 -9.46
C TRP A 220 12.96 9.02 -10.89
N ALA A 221 11.77 9.44 -11.29
CA ALA A 221 11.34 9.23 -12.67
C ALA A 221 12.12 10.18 -13.57
N LYS A 222 12.41 9.69 -14.78
CA LYS A 222 12.98 10.50 -15.85
C LYS A 222 11.90 10.74 -16.93
N PRO A 223 11.92 11.84 -17.71
CA PRO A 223 10.88 12.06 -18.73
C PRO A 223 10.83 10.95 -19.81
N GLU A 224 11.95 10.25 -20.04
CA GLU A 224 11.96 9.18 -21.02
C GLU A 224 11.52 7.84 -20.45
N ASP A 225 11.23 7.71 -19.14
CA ASP A 225 10.91 6.40 -18.55
C ASP A 225 9.61 5.83 -19.10
N PRO A 226 9.31 4.52 -18.98
CA PRO A 226 7.98 4.00 -19.31
C PRO A 226 6.84 4.72 -18.55
N SER A 227 5.70 4.88 -19.22
CA SER A 227 4.56 5.61 -18.70
C SER A 227 3.28 4.86 -19.01
N LEU A 228 2.66 4.25 -17.99
CA LEU A 228 1.43 3.49 -18.20
C LEU A 228 0.27 4.33 -18.72
N LEU A 229 0.09 5.54 -18.17
CA LEU A 229 -1.03 6.39 -18.51
C LEU A 229 -0.94 6.86 -19.96
N GLU A 230 0.26 6.94 -20.48
CA GLU A 230 0.48 7.31 -21.89
C GLU A 230 0.75 6.11 -22.80
N ASP A 231 0.75 4.86 -22.31
CA ASP A 231 0.84 3.66 -23.16
C ASP A 231 -0.32 3.58 -24.14
N PRO A 232 -0.07 3.66 -25.46
CA PRO A 232 -1.15 3.79 -26.43
C PRO A 232 -1.97 2.53 -26.51
N ARG A 233 -1.38 1.40 -26.12
CA ARG A 233 -2.10 0.15 -26.10
C ARG A 233 -3.20 0.16 -25.01
N ILE A 234 -2.86 0.78 -23.87
CA ILE A 234 -3.82 0.88 -22.78
C ILE A 234 -4.85 1.95 -23.09
N LYS A 235 -4.41 3.07 -23.70
CA LYS A 235 -5.34 4.05 -24.21
C LYS A 235 -6.39 3.45 -25.11
N ALA A 236 -6.01 2.52 -25.99
CA ALA A 236 -6.95 1.87 -26.89
C ALA A 236 -7.99 1.05 -26.14
N ILE A 237 -7.56 0.30 -25.11
CA ILE A 237 -8.47 -0.48 -24.30
C ILE A 237 -9.44 0.47 -23.60
N ALA A 238 -8.96 1.62 -23.09
CA ALA A 238 -9.82 2.58 -22.43
C ALA A 238 -10.87 3.10 -23.41
N ALA A 239 -10.43 3.56 -24.59
CA ALA A 239 -11.31 4.12 -25.61
C ALA A 239 -12.45 3.18 -25.98
N LYS A 240 -12.15 1.92 -26.06
CA LYS A 240 -13.16 0.92 -26.38
C LYS A 240 -14.27 0.84 -25.34
N HIS A 241 -13.95 1.05 -24.06
CA HIS A 241 -14.91 1.07 -22.99
C HIS A 241 -15.52 2.45 -22.70
N ASN A 242 -15.07 3.48 -23.43
CA ASN A 242 -15.40 4.87 -23.17
C ASN A 242 -15.02 5.23 -21.72
N LYS A 243 -13.81 4.76 -21.28
CA LYS A 243 -13.23 5.07 -19.97
C LYS A 243 -11.86 5.72 -20.20
N THR A 244 -11.22 6.22 -19.14
CA THR A 244 -9.91 6.78 -19.18
C THR A 244 -8.88 5.66 -18.93
N THR A 245 -7.61 5.94 -19.25
CA THR A 245 -6.57 4.94 -19.04
C THR A 245 -6.44 4.72 -17.53
N ALA A 246 -6.58 5.77 -16.70
CA ALA A 246 -6.57 5.53 -15.25
C ALA A 246 -7.63 4.54 -14.80
N GLN A 247 -8.86 4.68 -15.28
CA GLN A 247 -9.93 3.77 -14.92
C GLN A 247 -9.55 2.35 -15.29
N VAL A 248 -8.99 2.16 -16.53
CA VAL A 248 -8.58 0.81 -16.92
C VAL A 248 -7.55 0.23 -15.93
N LEU A 249 -6.55 1.04 -15.59
CA LEU A 249 -5.48 0.62 -14.72
C LEU A 249 -5.95 0.26 -13.32
N ILE A 250 -7.02 0.91 -12.83
CA ILE A 250 -7.57 0.69 -11.48
C ILE A 250 -8.45 -0.55 -11.53
N ARG A 251 -9.24 -0.70 -12.62
CA ARG A 251 -10.13 -1.82 -12.77
C ARG A 251 -9.38 -3.15 -12.91
N PHE A 252 -8.21 -3.10 -13.56
CA PHE A 252 -7.40 -4.28 -13.86
C PHE A 252 -7.09 -5.09 -12.59
N PRO A 253 -6.49 -4.50 -11.52
CA PRO A 253 -6.21 -5.26 -10.29
C PRO A 253 -7.50 -5.73 -9.61
N MET A 254 -8.60 -4.95 -9.69
CA MET A 254 -9.84 -5.32 -9.05
C MET A 254 -10.35 -6.67 -9.59
N GLN A 255 -10.21 -6.88 -10.90
CA GLN A 255 -10.64 -8.14 -11.51
C GLN A 255 -9.68 -9.30 -11.25
N ARG A 256 -8.58 -9.04 -10.55
CA ARG A 256 -7.69 -10.09 -10.10
C ARG A 256 -7.92 -10.36 -8.62
N ASN A 257 -8.99 -9.83 -8.07
CA ASN A 257 -9.31 -9.93 -6.67
C ASN A 257 -8.23 -9.26 -5.80
N LEU A 258 -7.69 -8.14 -6.25
CA LEU A 258 -6.76 -7.32 -5.45
C LEU A 258 -7.44 -6.05 -4.99
N VAL A 259 -6.98 -5.54 -3.83
CA VAL A 259 -7.23 -4.18 -3.43
C VAL A 259 -6.32 -3.27 -4.21
N VAL A 260 -6.82 -2.04 -4.55
CA VAL A 260 -5.97 -1.10 -5.29
C VAL A 260 -6.04 0.29 -4.64
N ILE A 261 -4.95 1.03 -4.67
CA ILE A 261 -4.82 2.28 -3.92
C ILE A 261 -4.23 3.40 -4.77
N PRO A 262 -4.87 3.80 -5.88
CA PRO A 262 -4.32 4.91 -6.67
C PRO A 262 -4.24 6.16 -5.82
N LYS A 263 -3.23 7.00 -6.08
CA LYS A 263 -3.03 8.25 -5.38
C LYS A 263 -3.38 9.38 -6.30
N SER A 264 -4.13 10.32 -5.76
CA SER A 264 -4.20 11.62 -6.39
C SER A 264 -4.45 12.65 -5.32
N VAL A 265 -3.95 13.88 -5.55
CA VAL A 265 -4.39 15.03 -4.77
C VAL A 265 -5.29 15.95 -5.59
N THR A 266 -5.60 15.58 -6.81
CA THR A 266 -6.44 16.37 -7.72
C THR A 266 -7.91 16.00 -7.64
N PRO A 267 -8.80 16.89 -7.15
CA PRO A 267 -10.18 16.49 -6.95
C PRO A 267 -10.84 15.85 -8.17
N GLU A 268 -10.58 16.41 -9.38
CA GLU A 268 -11.19 15.85 -10.59
C GLU A 268 -10.77 14.39 -10.76
N ARG A 269 -9.45 14.13 -10.54
CA ARG A 269 -8.97 12.76 -10.72
C ARG A 269 -9.48 11.82 -9.62
N ILE A 270 -9.56 12.35 -8.40
CA ILE A 270 -10.06 11.54 -7.30
C ILE A 270 -11.44 11.01 -7.69
N ALA A 271 -12.26 11.91 -8.24
CA ALA A 271 -13.60 11.50 -8.65
C ALA A 271 -13.54 10.53 -9.84
N GLU A 272 -12.72 10.86 -10.84
CA GLU A 272 -12.55 10.03 -12.04
C GLU A 272 -12.19 8.59 -11.67
N ASN A 273 -11.25 8.49 -10.74
CA ASN A 273 -10.66 7.24 -10.39
C ASN A 273 -11.67 6.31 -9.66
N PHE A 274 -12.74 6.92 -9.13
CA PHE A 274 -13.80 6.17 -8.44
C PHE A 274 -14.75 5.50 -9.40
N LYS A 275 -14.78 5.96 -10.64
CA LYS A 275 -15.78 5.48 -11.58
C LYS A 275 -15.33 4.20 -12.28
N VAL A 276 -15.18 3.15 -11.47
CA VAL A 276 -14.60 1.88 -11.88
C VAL A 276 -15.47 0.72 -11.43
N PHE A 277 -16.71 0.95 -11.02
CA PHE A 277 -17.57 -0.14 -10.55
C PHE A 277 -18.72 -0.43 -11.50
N ASP A 278 -18.73 0.21 -12.67
CA ASP A 278 -19.84 0.09 -13.61
C ASP A 278 -19.40 -0.40 -14.98
N PHE A 279 -18.18 -0.96 -15.14
CA PHE A 279 -17.78 -1.58 -16.38
C PHE A 279 -16.85 -2.74 -16.02
N GLU A 280 -16.64 -3.63 -17.00
CA GLU A 280 -15.81 -4.82 -16.83
C GLU A 280 -14.83 -4.87 -17.98
N LEU A 281 -13.56 -5.20 -17.70
CA LEU A 281 -12.60 -5.51 -18.73
C LEU A 281 -12.86 -6.94 -19.20
N SER A 282 -12.76 -7.18 -20.51
CA SER A 282 -12.96 -8.54 -21.02
C SER A 282 -11.82 -9.48 -20.61
N SER A 283 -12.05 -10.79 -20.87
CA SER A 283 -10.95 -11.72 -20.79
C SER A 283 -9.77 -11.32 -21.67
N GLN A 284 -9.97 -10.95 -22.97
CA GLN A 284 -8.95 -10.51 -23.83
C GLN A 284 -8.27 -9.28 -23.25
N ASP A 285 -9.03 -8.35 -22.69
CA ASP A 285 -8.40 -7.16 -22.12
C ASP A 285 -7.44 -7.52 -20.99
N MET A 286 -7.87 -8.41 -20.10
CA MET A 286 -7.12 -8.83 -18.92
C MET A 286 -5.85 -9.56 -19.35
N THR A 287 -5.96 -10.48 -20.36
CA THR A 287 -4.83 -11.23 -20.85
C THR A 287 -3.82 -10.29 -21.47
N THR A 288 -4.30 -9.30 -22.24
CA THR A 288 -3.48 -8.32 -22.91
C THR A 288 -2.73 -7.48 -21.88
N LEU A 289 -3.46 -7.04 -20.85
CA LEU A 289 -2.76 -6.23 -19.85
C LEU A 289 -1.70 -7.08 -19.14
N LEU A 290 -2.03 -8.30 -18.74
CA LEU A 290 -1.10 -9.23 -18.13
C LEU A 290 0.11 -9.45 -19.04
N SER A 291 -0.04 -9.41 -20.37
CA SER A 291 1.08 -9.69 -21.26
C SER A 291 2.09 -8.53 -21.35
N TYR A 292 1.76 -7.34 -20.79
CA TYR A 292 2.67 -6.20 -20.82
C TYR A 292 3.74 -6.26 -19.72
N ASN A 293 3.73 -7.36 -18.97
CA ASN A 293 4.67 -7.52 -17.86
C ASN A 293 6.11 -7.42 -18.40
N ARG A 294 6.91 -6.51 -17.84
CA ARG A 294 8.33 -6.42 -18.14
C ARG A 294 9.22 -6.53 -16.90
N ASN A 295 8.67 -6.92 -15.74
CA ASN A 295 9.37 -6.88 -14.47
C ASN A 295 9.98 -5.52 -14.20
N TRP A 296 9.27 -4.47 -14.59
CA TRP A 296 9.75 -3.11 -14.39
C TRP A 296 9.21 -2.56 -13.07
N ARG A 297 10.12 -2.25 -12.15
CA ARG A 297 9.76 -1.91 -10.79
C ARG A 297 10.06 -0.45 -10.51
N VAL A 298 9.04 0.32 -10.16
CA VAL A 298 9.05 1.71 -9.76
C VAL A 298 9.74 1.89 -8.41
N CYS A 299 9.52 0.95 -7.49
CA CYS A 299 9.88 1.19 -6.10
C CYS A 299 10.90 0.17 -5.65
N ALA A 300 12.15 0.62 -5.68
CA ALA A 300 13.26 -0.14 -5.19
C ALA A 300 14.33 0.92 -4.99
N LEU A 301 15.30 0.64 -4.11
CA LEU A 301 16.41 1.56 -3.92
C LEU A 301 17.65 0.70 -4.04
N LEU A 302 18.55 1.21 -4.87
CA LEU A 302 19.83 0.57 -5.14
C LEU A 302 20.67 0.59 -3.86
N SER A 303 20.49 1.59 -2.99
CA SER A 303 21.30 1.76 -1.79
C SER A 303 20.98 0.74 -0.72
N CYS A 304 20.11 -0.24 -1.01
CA CYS A 304 19.74 -1.27 -0.06
C CYS A 304 19.89 -2.67 -0.58
N THR A 305 20.46 -2.81 -1.79
CA THR A 305 20.49 -4.10 -2.44
C THR A 305 21.28 -5.15 -1.69
N SER A 306 22.25 -4.82 -0.83
CA SER A 306 22.94 -5.90 -0.12
C SER A 306 22.34 -6.17 1.28
N HIS A 307 21.20 -5.53 1.63
CA HIS A 307 20.55 -5.83 2.89
C HIS A 307 20.15 -7.30 2.94
N LYS A 308 20.31 -7.91 4.09
CA LYS A 308 20.00 -9.32 4.20
C LYS A 308 18.55 -9.58 3.87
N ASP A 309 17.68 -8.55 4.09
CA ASP A 309 16.27 -8.72 3.84
C ASP A 309 15.82 -8.07 2.55
N TYR A 310 16.75 -7.67 1.69
CA TYR A 310 16.33 -7.10 0.42
C TYR A 310 15.42 -8.06 -0.36
N PRO A 311 14.20 -7.60 -0.74
CA PRO A 311 13.19 -8.51 -1.21
C PRO A 311 13.21 -8.85 -2.69
N PHE A 312 14.01 -8.18 -3.49
CA PHE A 312 13.81 -8.25 -4.93
C PHE A 312 14.94 -9.04 -5.64
N HIS A 313 15.70 -9.87 -4.93
CA HIS A 313 16.62 -10.82 -5.59
C HIS A 313 15.88 -12.09 -6.00
N GLU A 314 14.80 -12.44 -5.32
CA GLU A 314 14.04 -13.66 -5.62
C GLU A 314 13.14 -13.43 -6.83
N GLU A 315 12.86 -14.52 -7.55
CA GLU A 315 11.99 -14.57 -8.72
C GLU A 315 10.58 -14.08 -8.37
N PHE A 316 10.11 -14.44 -7.17
CA PHE A 316 8.86 -13.98 -6.60
C PHE A 316 8.87 -14.12 -5.08
PA NAP B . 0.10 5.84 -8.54
O1A NAP B . -1.15 5.80 -7.74
O2A NAP B . 0.42 4.74 -9.45
O5B NAP B . 0.24 7.22 -9.37
C5B NAP B . -0.02 8.50 -8.75
C4B NAP B . 0.28 9.54 -9.81
O4B NAP B . -0.71 9.44 -10.84
C3B NAP B . 0.25 11.01 -9.35
O3B NAP B . 1.19 11.74 -10.13
C2B NAP B . -1.15 11.47 -9.72
O2B NAP B . -1.27 12.86 -10.01
C1B NAP B . -1.40 10.68 -11.00
N9A NAP B . -2.78 10.42 -11.30
C8A NAP B . -3.71 9.87 -10.48
N7A NAP B . -4.92 9.74 -10.99
C5A NAP B . -4.76 10.22 -12.28
C6A NAP B . -5.64 10.21 -13.38
N6A NAP B . -6.92 9.88 -13.31
N1A NAP B . -5.18 10.79 -14.51
C2A NAP B . -3.89 11.15 -14.60
N3A NAP B . -2.96 11.12 -13.66
C4A NAP B . -3.45 10.59 -12.51
O3 NAP B . 1.37 6.03 -7.57
PN NAP B . 1.85 5.80 -6.08
O1N NAP B . 3.28 5.34 -6.14
O2N NAP B . 1.55 7.00 -5.26
O5D NAP B . 1.00 4.50 -5.61
C5D NAP B . -0.35 4.68 -4.97
C4D NAP B . -0.23 4.55 -3.47
O4D NAP B . 0.32 3.27 -3.12
C3D NAP B . 0.75 5.50 -2.77
O3D NAP B . 0.32 6.85 -2.70
C2D NAP B . 0.89 4.82 -1.40
O2D NAP B . -0.30 5.05 -0.65
C1D NAP B . 1.01 3.36 -1.84
N1N NAP B . 2.40 2.88 -2.01
C2N NAP B . 2.91 2.00 -1.07
C3N NAP B . 4.22 1.60 -1.20
C7N NAP B . 4.77 0.63 -0.21
O7N NAP B . 5.99 0.46 -0.17
N7N NAP B . 3.91 -0.08 0.50
C4N NAP B . 5.03 2.08 -2.24
C5N NAP B . 4.47 2.91 -3.21
C6N NAP B . 3.19 3.31 -3.08
P2B NAP B . -1.89 13.87 -8.95
O1X NAP B . -1.79 13.41 -7.52
O2X NAP B . -1.11 15.22 -9.10
O3X NAP B . -3.37 14.08 -9.45
H51A NAP B . 0.56 8.64 -7.96
H52A NAP B . -0.96 8.56 -8.46
H4B NAP B . 1.15 9.35 -10.19
H3B NAP B . 0.43 11.11 -8.39
HO3A NAP B . 0.76 12.30 -10.60
H2B NAP B . -1.78 11.21 -9.02
H1B NAP B . -1.00 11.17 -11.75
H8A NAP B . -3.52 9.66 -9.59
H61A NAP B . -7.41 9.89 -14.03
H62A NAP B . -7.26 9.66 -12.53
H2A NAP B . -3.61 11.49 -15.43
H51N NAP B . -0.97 4.01 -5.33
H52N NAP B . -0.71 5.58 -5.20
H4D NAP B . -1.12 4.64 -3.06
H3D NAP B . 1.62 5.46 -3.24
HO3N NAP B . 0.82 7.35 -2.26
H2D NAP B . 1.71 5.12 -0.93
HO2N NAP B . -0.21 4.64 0.11
H1D NAP B . 0.55 2.78 -1.17
H2N NAP B . 2.38 1.72 -0.36
H71N NAP B . 3.03 0.05 0.45
H72N NAP B . 4.22 -0.71 1.07
H4N NAP B . 5.90 1.75 -2.37
H5N NAP B . 5.01 3.23 -3.91
H6N NAP B . 2.83 3.93 -3.69
O2 XYK C . 5.76 3.59 0.46
C18 XYK C . 6.98 3.82 0.24
O3 XYK C . 8.00 3.37 0.94
C17 XYK C . 7.30 4.57 -1.02
C4 XYK C . 8.72 5.07 -1.12
C3 XYK C . 9.16 6.27 -0.47
C2 XYK C . 10.54 6.70 -0.62
C5 XYK C . 10.78 7.94 0.03
S6 XYK C . 9.45 8.41 0.89
C7 XYK C . 8.45 7.15 0.30
C1 XYK C . 11.40 5.88 -1.41
O1 XYK C . 12.61 6.08 -1.61
N2 XYK C . 9.52 4.33 -1.83
N1 XYK C . 10.88 4.69 -1.92
C9 XYK C . 11.73 3.75 -2.60
C10 XYK C . 12.10 2.68 -1.62
N3 XYK C . 12.54 1.52 -1.95
S1 XYK C . 11.91 2.95 0.11
C11 XYK C . 12.67 1.43 0.44
C12 XYK C . 12.86 0.78 -0.79
C16 XYK C . 13.49 -0.46 -0.78
C13 XYK C . 12.94 0.82 1.64
C14 XYK C . 13.45 -0.47 1.64
C15 XYK C . 13.75 -1.11 0.43
C19 XYK C . 14.26 -2.50 0.39
F3 XYK C . 14.20 -3.07 -0.84
F1 XYK C . 13.44 -3.33 1.10
F2 XYK C . 15.53 -2.57 0.81
H172 XYK C . 7.12 3.99 -1.78
H171 XYK C . 6.69 5.33 -1.08
H5 XYK C . 11.58 8.43 -0.03
H7 XYK C . 7.53 7.07 0.48
H92 XYK C . 11.25 3.36 -3.36
H91 XYK C . 12.54 4.20 -2.94
H16 XYK C . 13.61 -0.92 -1.60
H13 XYK C . 12.74 1.25 2.46
H14 XYK C . 13.67 -0.89 2.47
C1 EDO D . -14.67 2.48 -1.87
O1 EDO D . -13.58 2.69 -1.02
C2 EDO D . -15.19 1.08 -2.17
O2 EDO D . -14.20 0.13 -2.48
H11 EDO D . -14.44 2.88 -2.74
H12 EDO D . -15.43 2.99 -1.52
HO1 EDO D . -13.41 3.51 -0.95
H21 EDO D . -15.82 1.13 -2.93
H22 EDO D . -15.69 0.77 -1.39
HO2 EDO D . -13.58 0.17 -1.90
C1 EDO E . 11.79 9.37 11.66
O1 EDO E . 10.61 9.16 12.39
C2 EDO E . 12.65 8.21 11.31
O2 EDO E . 13.05 7.31 12.33
H11 EDO E . 12.35 10.00 12.18
H12 EDO E . 11.55 9.82 10.84
HO1 EDO E . 10.24 9.91 12.53
H21 EDO E . 13.47 8.56 10.89
H22 EDO E . 12.18 7.69 10.62
HO2 EDO E . 12.71 7.56 13.07
C1 EDO F . 2.89 14.08 10.53
O1 EDO F . 2.16 14.76 9.55
C2 EDO F . 3.91 13.21 9.94
O2 EDO F . 3.32 12.09 9.16
H11 EDO F . 2.28 13.54 11.08
H12 EDO F . 3.33 14.73 11.12
HO1 EDO F . 1.57 15.24 9.92
H21 EDO F . 4.47 12.85 10.65
H22 EDO F . 4.48 13.75 9.34
HO2 EDO F . 2.89 11.58 9.69
C1 EDO G . 23.26 -2.18 2.61
O1 EDO G . 23.51 -0.91 2.09
C2 EDO G . 22.08 -2.38 3.43
O2 EDO G . 21.10 -1.35 3.36
H11 EDO G . 24.04 -2.46 3.14
H12 EDO G . 23.19 -2.80 1.85
HO1 EDO G . 24.22 -0.99 1.66
H21 EDO G . 22.37 -2.48 4.37
H22 EDO G . 21.66 -3.23 3.17
HO2 EDO G . 21.38 -0.74 2.85
C1 EDO H . 2.76 -22.25 5.47
O1 EDO H . 1.58 -22.23 4.67
C2 EDO H . 3.98 -21.84 4.81
O2 EDO H . 4.19 -22.41 3.51
H11 EDO H . 2.89 -23.15 5.82
H12 EDO H . 2.61 -21.65 6.24
HO1 EDO H . 0.95 -22.49 5.15
H21 EDO H . 4.74 -22.09 5.39
H22 EDO H . 3.98 -20.86 4.73
HO2 EDO H . 3.86 -23.18 3.48
#